data_4OC6
#
_entry.id   4OC6
#
_cell.length_a   77.022
_cell.length_b   77.022
_cell.length_c   251.586
_cell.angle_alpha   90.00
_cell.angle_beta   90.00
_cell.angle_gamma   120.00
#
_symmetry.space_group_name_H-M   'P 61 2 2'
#
loop_
_entity.id
_entity.type
_entity.pdbx_description
1 polymer 'Cathepsin D light chain'
2 polymer 'Cathepsin D heavy chain'
3 branched alpha-D-mannopyranose-(1-6)-beta-D-mannopyranose-(1-4)-2-acetamido-2-deoxy-beta-D-glucopyranose-(1-4)-2-acetamido-2-deoxy-beta-D-glucopyranose
4 non-polymer 2-acetamido-2-deoxy-beta-D-glucopyranose
5 non-polymer 2-bromo-N-[(2S,3S)-4-{[2-(2,4-dichlorophenyl)ethyl][3-(1,3-dioxo-1,3-dihydro-2H-isoindol-2-yl)propanoyl]amino}-3-hydroxy-1-(3-phenoxyphenyl)butan-2-yl]-4,5-dimethoxybenzamide
6 non-polymer GLYCEROL
7 water water
#
loop_
_entity_poly.entity_id
_entity_poly.type
_entity_poly.pdbx_seq_one_letter_code
_entity_poly.pdbx_strand_id
1 'polypeptide(L)'
;PAVTEGPIPEVLKNYMDAQYYGEIGIGTPPQCFTVVFDTGSSNLWVPSIHCKLLDIACWIHHKYNSDKSSTYVKNGTSFD
IHYGSGSLSGYLSQDTVSVPCQS
;
A
2 'polypeptide(L)'
;GGVKVERQVFGEATKQPGITFIAAKFDGILGMAYPRISVNNVLPVFDNLMQQKLVDQNIFSFYLSRDPDAQPGGELMLGG
TDSKYYKGSLSYLNVTRKAYWQVHLDQVEVASGLTLCKEGCEAIVDTGTSLMVGPVDEVRELQKAIGAVPLIQGEYMIPC
EKVSTLPAITLKLGGKGYKLSPEDYTLKVSQAGKTLCLSGFMGMDIPPPSGPLWILGDVFIGRYYTVFDRDNNRVGFAEA
ARL
;
B
#
# COMPACT_ATOMS: atom_id res chain seq x y z
N GLY A 6 5.29 23.19 -7.00
CA GLY A 6 5.23 22.07 -7.94
C GLY A 6 4.61 20.79 -7.39
N PRO A 7 5.39 19.93 -6.66
CA PRO A 7 4.81 18.66 -6.17
C PRO A 7 3.86 18.81 -4.98
N ILE A 8 2.78 17.99 -4.94
CA ILE A 8 1.73 17.98 -3.90
C ILE A 8 2.06 17.04 -2.70
N PRO A 9 2.49 17.58 -1.53
CA PRO A 9 2.71 16.69 -0.37
C PRO A 9 1.38 16.28 0.27
N GLU A 10 1.26 14.99 0.57
CA GLU A 10 0.09 14.38 1.20
C GLU A 10 0.61 13.63 2.41
N VAL A 11 0.25 14.15 3.59
CA VAL A 11 0.61 13.61 4.89
C VAL A 11 -0.14 12.33 5.10
N LEU A 12 0.55 11.33 5.66
CA LEU A 12 -0.06 10.05 5.94
C LEU A 12 -0.02 9.79 7.41
N LYS A 13 -1.03 9.10 7.92
CA LYS A 13 -1.11 8.64 9.29
C LYS A 13 -0.54 7.23 9.23
N ASN A 14 0.07 6.80 10.31
CA ASN A 14 0.63 5.46 10.45
C ASN A 14 0.00 4.85 11.67
N TYR A 15 -0.81 3.83 11.46
CA TYR A 15 -1.41 3.06 12.52
C TYR A 15 -0.61 1.77 12.71
N MET A 16 0.11 1.67 13.83
CA MET A 16 0.89 0.50 14.30
C MET A 16 1.82 -0.16 13.28
N ASP A 17 2.25 0.57 12.23
CA ASP A 17 3.07 0.06 11.12
C ASP A 17 2.34 -0.96 10.28
N ALA A 18 1.03 -1.02 10.46
CA ALA A 18 0.17 -1.96 9.77
C ALA A 18 -0.68 -1.27 8.72
N GLN A 19 -1.11 -0.03 8.97
CA GLN A 19 -1.97 0.71 8.04
C GLN A 19 -1.52 2.15 7.94
N TYR A 20 -1.23 2.61 6.71
CA TYR A 20 -0.85 3.98 6.35
C TYR A 20 -1.94 4.54 5.48
N TYR A 21 -2.44 5.72 5.83
CA TYR A 21 -3.56 6.30 5.10
C TYR A 21 -3.53 7.80 5.21
N GLY A 22 -4.08 8.44 4.19
CA GLY A 22 -4.14 9.91 4.15
C GLY A 22 -5.52 10.39 3.85
N GLU A 23 -5.71 11.68 3.93
CA GLU A 23 -7.01 12.29 3.74
C GLU A 23 -7.18 12.89 2.38
N ILE A 24 -8.32 12.54 1.79
CA ILE A 24 -8.77 13.02 0.50
C ILE A 24 -10.16 13.65 0.64
N GLY A 25 -10.60 14.25 -0.44
CA GLY A 25 -11.91 14.87 -0.51
C GLY A 25 -12.61 14.38 -1.75
N ILE A 26 -13.94 14.26 -1.69
CA ILE A 26 -14.78 13.84 -2.82
C ILE A 26 -15.99 14.78 -2.77
N GLY A 27 -16.19 15.53 -3.85
CA GLY A 27 -17.31 16.47 -3.96
C GLY A 27 -16.99 17.95 -3.96
N THR A 28 -18.04 18.75 -4.20
CA THR A 28 -18.04 20.21 -4.16
C THR A 28 -19.28 20.61 -3.31
N PRO A 29 -19.13 21.02 -2.02
CA PRO A 29 -17.87 21.16 -1.25
C PRO A 29 -17.28 19.79 -0.90
N PRO A 30 -15.93 19.69 -0.75
CA PRO A 30 -15.33 18.37 -0.47
C PRO A 30 -15.74 17.72 0.85
N GLN A 31 -16.13 16.44 0.77
CA GLN A 31 -16.42 15.55 1.90
C GLN A 31 -15.11 14.76 2.10
N CYS A 32 -14.59 14.75 3.33
CA CYS A 32 -13.33 14.10 3.68
C CYS A 32 -13.44 12.63 3.98
N PHE A 33 -12.45 11.86 3.51
CA PHE A 33 -12.34 10.43 3.76
C PHE A 33 -10.85 10.17 3.88
N THR A 34 -10.49 9.15 4.69
CA THR A 34 -9.12 8.67 4.79
C THR A 34 -9.05 7.45 3.89
N VAL A 35 -8.04 7.39 3.03
CA VAL A 35 -7.86 6.26 2.10
C VAL A 35 -6.43 5.70 2.19
N VAL A 36 -6.25 4.45 1.74
CA VAL A 36 -4.96 3.78 1.59
C VAL A 36 -4.63 4.05 0.15
N PHE A 37 -3.51 4.75 -0.08
CA PHE A 37 -2.96 4.98 -1.43
C PHE A 37 -2.23 3.68 -1.68
N ASP A 38 -2.94 2.75 -2.32
CA ASP A 38 -2.53 1.36 -2.55
C ASP A 38 -1.98 1.08 -3.91
N THR A 39 -0.69 0.79 -4.00
CA THR A 39 -0.04 0.51 -5.31
C THR A 39 -0.35 -0.93 -5.81
N GLY A 40 -0.96 -1.76 -4.96
CA GLY A 40 -1.36 -3.12 -5.32
C GLY A 40 -2.72 -3.25 -5.96
N SER A 41 -3.39 -2.12 -6.26
CA SER A 41 -4.72 -2.04 -6.87
C SER A 41 -4.90 -0.72 -7.68
N SER A 42 -5.97 -0.61 -8.53
CA SER A 42 -6.21 0.57 -9.39
C SER A 42 -7.58 1.25 -9.25
N ASN A 43 -8.42 0.80 -8.32
CA ASN A 43 -9.72 1.45 -8.11
C ASN A 43 -9.73 2.32 -6.89
N LEU A 44 -10.67 3.29 -6.89
CA LEU A 44 -10.93 4.18 -5.78
C LEU A 44 -12.36 3.97 -5.34
N TRP A 45 -12.56 3.77 -4.02
CA TRP A 45 -13.89 3.59 -3.46
C TRP A 45 -13.90 4.09 -2.04
N VAL A 46 -15.10 4.49 -1.54
CA VAL A 46 -15.37 4.96 -0.17
C VAL A 46 -16.76 4.44 0.24
N PRO A 47 -17.09 4.39 1.57
CA PRO A 47 -18.43 3.97 1.96
C PRO A 47 -19.49 4.97 1.46
N SER A 48 -20.66 4.44 1.08
CA SER A 48 -21.82 5.18 0.60
C SER A 48 -22.72 5.52 1.78
N ILE A 49 -23.56 6.53 1.62
CA ILE A 49 -24.57 6.86 2.61
C ILE A 49 -25.71 5.77 2.49
N HIS A 50 -25.74 5.07 1.36
CA HIS A 50 -26.69 4.00 1.08
C HIS A 50 -26.19 2.61 1.52
N CYS A 51 -25.60 2.52 2.72
CA CYS A 51 -25.20 1.26 3.36
C CYS A 51 -25.97 1.08 4.67
N LYS A 52 -26.18 -0.18 5.08
CA LYS A 52 -26.91 -0.56 6.30
C LYS A 52 -26.19 -0.01 7.57
N LEU A 53 -26.86 0.93 8.29
CA LEU A 53 -26.39 1.60 9.52
C LEU A 53 -25.93 0.65 10.63
N LEU A 54 -26.59 -0.53 10.74
CA LEU A 54 -26.31 -1.61 11.69
C LEU A 54 -24.99 -2.34 11.35
N ASP A 55 -24.61 -2.42 10.02
CA ASP A 55 -23.35 -3.07 9.56
C ASP A 55 -22.20 -2.29 10.13
N ILE A 56 -21.39 -2.96 10.93
CA ILE A 56 -20.28 -2.37 11.67
C ILE A 56 -19.39 -1.49 10.77
N ALA A 57 -18.96 -2.01 9.60
CA ALA A 57 -18.10 -1.34 8.62
C ALA A 57 -18.67 -0.04 8.07
N CYS A 58 -19.98 0.04 7.87
CA CYS A 58 -20.66 1.23 7.33
C CYS A 58 -20.70 2.36 8.39
N TRP A 59 -21.24 2.05 9.59
CA TRP A 59 -21.39 2.93 10.74
C TRP A 59 -20.11 3.59 11.22
N ILE A 60 -19.04 2.81 11.34
CA ILE A 60 -17.81 3.33 11.95
C ILE A 60 -16.99 4.20 11.00
N HIS A 61 -17.28 4.18 9.70
CA HIS A 61 -16.56 4.97 8.72
C HIS A 61 -17.35 6.14 8.13
N HIS A 62 -16.64 7.03 7.40
CA HIS A 62 -17.26 8.21 6.78
C HIS A 62 -17.94 7.78 5.53
N LYS A 63 -19.18 8.25 5.39
CA LYS A 63 -20.00 7.89 4.26
C LYS A 63 -20.16 9.04 3.29
N TYR A 64 -20.09 8.72 2.00
CA TYR A 64 -20.29 9.68 0.92
C TYR A 64 -21.77 9.88 0.64
N ASN A 65 -22.17 11.16 0.54
CA ASN A 65 -23.52 11.60 0.27
C ASN A 65 -23.55 12.48 -0.98
N SER A 66 -24.01 11.91 -2.10
CA SER A 66 -24.15 12.55 -3.39
C SER A 66 -24.96 13.88 -3.33
N ASP A 67 -26.06 13.92 -2.55
CA ASP A 67 -26.96 15.07 -2.41
C ASP A 67 -26.31 16.35 -1.89
N LYS A 68 -25.19 16.21 -1.14
CA LYS A 68 -24.40 17.31 -0.55
C LYS A 68 -23.39 17.94 -1.54
N SER A 69 -23.21 17.30 -2.73
CA SER A 69 -22.25 17.67 -3.79
C SER A 69 -22.93 18.25 -5.05
N SER A 70 -22.43 19.42 -5.51
CA SER A 70 -22.92 20.14 -6.70
C SER A 70 -22.27 19.62 -7.98
N THR A 71 -21.13 18.90 -7.86
CA THR A 71 -20.36 18.31 -8.97
C THR A 71 -20.60 16.80 -9.19
N TYR A 72 -21.53 16.21 -8.42
CA TYR A 72 -21.82 14.77 -8.56
C TYR A 72 -22.49 14.45 -9.90
N VAL A 73 -21.99 13.38 -10.56
CA VAL A 73 -22.54 12.86 -11.82
C VAL A 73 -22.86 11.38 -11.60
N LYS A 74 -24.16 11.06 -11.64
CA LYS A 74 -24.70 9.71 -11.43
C LYS A 74 -24.15 8.71 -12.47
N ASN A 75 -23.80 7.49 -12.03
CA ASN A 75 -23.37 6.41 -12.92
C ASN A 75 -24.32 5.25 -12.62
N GLY A 76 -24.08 4.55 -11.50
CA GLY A 76 -24.98 3.51 -11.02
C GLY A 76 -24.58 2.10 -11.28
N THR A 77 -23.56 1.91 -12.15
CA THR A 77 -23.01 0.60 -12.49
C THR A 77 -22.54 -0.12 -11.22
N SER A 78 -22.96 -1.38 -11.04
CA SER A 78 -22.56 -2.21 -9.90
C SER A 78 -21.07 -2.52 -9.96
N PHE A 79 -20.43 -2.59 -8.80
CA PHE A 79 -19.04 -2.99 -8.76
C PHE A 79 -18.82 -4.01 -7.65
N ASP A 80 -17.84 -4.89 -7.85
CA ASP A 80 -17.39 -5.88 -6.87
C ASP A 80 -15.86 -5.93 -6.90
N ILE A 81 -15.21 -5.78 -5.75
CA ILE A 81 -13.76 -5.84 -5.69
C ILE A 81 -13.32 -6.95 -4.77
N HIS A 82 -12.32 -7.71 -5.20
CA HIS A 82 -11.75 -8.81 -4.42
C HIS A 82 -10.26 -8.57 -4.19
N TYR A 83 -9.91 -8.10 -2.97
CA TYR A 83 -8.56 -7.86 -2.50
C TYR A 83 -8.04 -9.12 -1.85
N GLY A 84 -6.77 -9.11 -1.45
CA GLY A 84 -6.15 -10.23 -0.75
C GLY A 84 -6.83 -10.53 0.56
N SER A 85 -7.14 -9.47 1.32
CA SER A 85 -7.75 -9.61 2.64
C SER A 85 -9.29 -9.41 2.67
N GLY A 86 -9.90 -8.88 1.61
CA GLY A 86 -11.33 -8.70 1.67
C GLY A 86 -12.06 -8.38 0.37
N SER A 87 -13.40 -8.42 0.47
CA SER A 87 -14.35 -8.15 -0.60
C SER A 87 -15.36 -7.10 -0.19
N LEU A 88 -15.76 -6.28 -1.17
CA LEU A 88 -16.76 -5.23 -1.04
C LEU A 88 -17.48 -5.06 -2.35
N SER A 89 -18.66 -4.50 -2.25
CA SER A 89 -19.51 -4.25 -3.40
C SER A 89 -20.27 -2.98 -3.15
N GLY A 90 -20.78 -2.45 -4.25
CA GLY A 90 -21.59 -1.25 -4.24
C GLY A 90 -21.91 -0.85 -5.65
N TYR A 91 -21.79 0.46 -5.91
CA TYR A 91 -22.09 1.08 -7.20
C TYR A 91 -21.15 2.24 -7.51
N LEU A 92 -20.99 2.55 -8.81
CA LEU A 92 -20.11 3.61 -9.31
C LEU A 92 -20.82 4.96 -9.34
N SER A 93 -20.03 6.01 -9.08
CA SER A 93 -20.41 7.42 -9.09
C SER A 93 -19.26 8.27 -9.61
N GLN A 94 -19.54 9.53 -10.02
CA GLN A 94 -18.51 10.43 -10.55
C GLN A 94 -18.57 11.77 -9.85
N ASP A 95 -17.39 12.21 -9.42
CA ASP A 95 -17.23 13.47 -8.72
C ASP A 95 -15.73 13.84 -8.70
N THR A 96 -15.45 15.07 -8.27
CA THR A 96 -14.12 15.63 -8.14
C THR A 96 -13.45 15.05 -6.88
N VAL A 97 -12.16 14.73 -6.99
CA VAL A 97 -11.36 14.23 -5.87
C VAL A 97 -10.26 15.24 -5.54
N SER A 98 -10.24 15.70 -4.27
CA SER A 98 -9.25 16.67 -3.80
C SER A 98 -8.15 15.95 -3.02
N VAL A 99 -6.86 16.35 -3.23
CA VAL A 99 -5.71 15.77 -2.51
C VAL A 99 -4.77 16.89 -2.00
N PRO A 100 -4.78 17.26 -0.67
CA PRO A 100 -5.56 16.68 0.46
C PRO A 100 -7.05 17.05 0.42
N CYS A 101 -7.80 16.84 1.52
CA CYS A 101 -9.25 17.14 1.52
C CYS A 101 -9.60 18.58 1.12
N GLN A 102 -8.97 19.59 1.76
CA GLN A 102 -9.17 21.04 1.56
C GLN A 102 -10.72 21.44 1.64
N SER A 103 -11.39 20.98 2.75
CA SER A 103 -12.81 21.09 3.13
C SER A 103 -13.74 22.03 2.35
N GLY B 1 -2.50 24.76 -0.73
CA GLY B 1 -2.00 24.24 -2.00
C GLY B 1 -2.16 22.74 -2.19
N GLY B 2 -3.19 22.34 -2.93
CA GLY B 2 -3.48 20.94 -3.21
C GLY B 2 -3.73 20.66 -4.68
N VAL B 3 -4.39 19.54 -4.96
CA VAL B 3 -4.72 19.13 -6.32
C VAL B 3 -6.17 18.62 -6.40
N LYS B 4 -6.91 19.00 -7.46
CA LYS B 4 -8.31 18.62 -7.68
C LYS B 4 -8.53 17.86 -9.02
N VAL B 5 -8.67 16.52 -8.93
CA VAL B 5 -8.90 15.65 -10.07
C VAL B 5 -10.41 15.59 -10.31
N GLU B 6 -10.87 16.34 -11.31
CA GLU B 6 -12.27 16.41 -11.69
C GLU B 6 -12.71 15.15 -12.42
N ARG B 7 -14.05 14.97 -12.49
CA ARG B 7 -14.75 13.85 -13.16
C ARG B 7 -14.07 12.52 -12.89
N GLN B 8 -13.88 12.21 -11.59
CA GLN B 8 -13.24 10.96 -11.22
C GLN B 8 -14.31 9.94 -10.85
N VAL B 9 -14.26 8.79 -11.51
CA VAL B 9 -15.20 7.72 -11.25
C VAL B 9 -14.62 6.85 -10.10
N PHE B 10 -15.43 6.67 -9.05
CA PHE B 10 -15.07 5.91 -7.88
C PHE B 10 -16.26 5.05 -7.48
N GLY B 11 -16.05 4.19 -6.49
CA GLY B 11 -17.07 3.32 -5.94
C GLY B 11 -17.69 3.82 -4.65
N GLU B 12 -19.01 3.66 -4.56
CA GLU B 12 -19.81 3.97 -3.40
C GLU B 12 -20.15 2.58 -2.81
N ALA B 13 -19.35 2.13 -1.84
CA ALA B 13 -19.51 0.82 -1.21
C ALA B 13 -20.80 0.72 -0.37
N THR B 14 -21.62 -0.32 -0.60
CA THR B 14 -22.88 -0.57 0.12
C THR B 14 -22.79 -1.84 1.01
N LYS B 15 -21.85 -2.74 0.67
CA LYS B 15 -21.61 -4.01 1.37
C LYS B 15 -20.12 -4.25 1.54
N GLN B 16 -19.65 -4.34 2.80
CA GLN B 16 -18.24 -4.61 3.17
C GLN B 16 -18.19 -5.74 4.22
N PRO B 17 -18.40 -7.01 3.78
CA PRO B 17 -18.37 -8.13 4.73
C PRO B 17 -16.96 -8.48 5.20
N GLY B 18 -16.89 -9.29 6.25
CA GLY B 18 -15.62 -9.71 6.83
C GLY B 18 -15.09 -8.71 7.83
N ILE B 19 -14.16 -9.16 8.67
CA ILE B 19 -13.52 -8.37 9.72
C ILE B 19 -12.54 -7.30 9.19
N THR B 20 -12.08 -7.43 7.92
CA THR B 20 -11.10 -6.50 7.32
C THR B 20 -11.59 -5.09 7.40
N PHE B 21 -12.84 -4.89 7.02
CA PHE B 21 -13.39 -3.56 6.95
C PHE B 21 -13.85 -3.07 8.30
N ILE B 22 -13.91 -3.93 9.30
CA ILE B 22 -14.17 -3.48 10.67
C ILE B 22 -12.80 -3.10 11.32
N ALA B 23 -11.72 -3.86 11.00
CA ALA B 23 -10.35 -3.65 11.48
C ALA B 23 -9.63 -2.44 10.84
N ALA B 24 -10.09 -2.01 9.65
CA ALA B 24 -9.54 -0.89 8.89
C ALA B 24 -9.80 0.44 9.59
N LYS B 25 -8.76 1.24 9.79
CA LYS B 25 -8.91 2.58 10.41
C LYS B 25 -9.20 3.64 9.33
N PHE B 26 -9.14 3.23 8.06
CA PHE B 26 -9.37 4.10 6.92
C PHE B 26 -10.78 3.82 6.37
N ASP B 27 -11.31 4.75 5.55
CA ASP B 27 -12.64 4.72 4.95
C ASP B 27 -12.68 3.90 3.65
N GLY B 28 -11.65 4.04 2.82
CA GLY B 28 -11.55 3.33 1.55
C GLY B 28 -10.13 3.10 1.06
N ILE B 29 -10.01 2.87 -0.23
CA ILE B 29 -8.73 2.62 -0.85
C ILE B 29 -8.66 3.40 -2.13
N LEU B 30 -7.55 4.15 -2.31
CA LEU B 30 -7.22 4.84 -3.55
C LEU B 30 -6.12 3.99 -4.22
N GLY B 31 -6.51 3.22 -5.24
CA GLY B 31 -5.60 2.37 -6.00
C GLY B 31 -4.67 3.18 -6.89
N MET B 32 -3.39 2.82 -6.88
CA MET B 32 -2.37 3.56 -7.62
C MET B 32 -1.54 2.72 -8.58
N ALA B 33 -2.04 1.52 -8.96
CA ALA B 33 -1.37 0.70 -9.99
C ALA B 33 -1.87 1.17 -11.39
N TYR B 34 -1.66 0.36 -12.46
CA TYR B 34 -1.96 0.69 -13.85
C TYR B 34 -3.45 0.53 -14.24
N PRO B 35 -3.95 1.28 -15.26
CA PRO B 35 -5.36 1.10 -15.69
C PRO B 35 -5.72 -0.34 -16.04
N ARG B 36 -4.73 -1.12 -16.48
CA ARG B 36 -4.81 -2.53 -16.83
C ARG B 36 -5.60 -3.41 -15.85
N ILE B 37 -5.44 -3.25 -14.53
CA ILE B 37 -6.12 -4.12 -13.56
C ILE B 37 -7.31 -3.44 -12.85
N SER B 38 -7.77 -2.33 -13.42
CA SER B 38 -8.89 -1.58 -12.87
C SER B 38 -10.24 -2.27 -13.06
N VAL B 39 -10.95 -2.53 -11.95
CA VAL B 39 -12.28 -3.16 -11.90
C VAL B 39 -13.29 -2.25 -12.62
N ASN B 40 -14.10 -2.83 -13.51
CA ASN B 40 -15.13 -2.14 -14.31
C ASN B 40 -14.50 -1.10 -15.30
N ASN B 41 -13.19 -1.25 -15.56
CA ASN B 41 -12.35 -0.43 -16.46
C ASN B 41 -12.53 1.05 -16.21
N VAL B 42 -12.41 1.42 -14.93
CA VAL B 42 -12.53 2.79 -14.47
C VAL B 42 -11.14 3.42 -14.54
N LEU B 43 -11.02 4.65 -15.11
CA LEU B 43 -9.73 5.33 -15.18
C LEU B 43 -9.19 5.69 -13.75
N PRO B 44 -7.97 5.19 -13.38
CA PRO B 44 -7.41 5.46 -12.03
C PRO B 44 -7.20 6.95 -11.69
N VAL B 45 -7.04 7.28 -10.38
CA VAL B 45 -6.88 8.69 -9.94
C VAL B 45 -5.62 9.31 -10.49
N PHE B 46 -4.49 8.56 -10.47
CA PHE B 46 -3.23 9.10 -10.95
C PHE B 46 -3.21 9.25 -12.46
N ASP B 47 -3.99 8.42 -13.17
CA ASP B 47 -4.12 8.42 -14.62
C ASP B 47 -4.91 9.59 -15.15
N ASN B 48 -6.02 9.91 -14.47
CA ASN B 48 -6.91 11.04 -14.73
C ASN B 48 -6.15 12.34 -14.40
N LEU B 49 -5.36 12.32 -13.32
CA LEU B 49 -4.50 13.42 -12.88
C LEU B 49 -3.43 13.74 -13.96
N MET B 50 -2.77 12.70 -14.53
CA MET B 50 -1.74 12.84 -15.57
C MET B 50 -2.37 13.45 -16.83
N GLN B 51 -3.61 13.02 -17.14
CA GLN B 51 -4.41 13.47 -18.28
C GLN B 51 -4.86 14.91 -18.14
N GLN B 52 -5.14 15.36 -16.91
CA GLN B 52 -5.56 16.74 -16.66
C GLN B 52 -4.34 17.67 -16.52
N LYS B 53 -3.12 17.09 -16.70
CA LYS B 53 -1.79 17.73 -16.65
C LYS B 53 -1.57 18.53 -15.37
N LEU B 54 -2.02 17.97 -14.23
CA LEU B 54 -1.91 18.60 -12.89
C LEU B 54 -0.52 18.43 -12.25
N VAL B 55 0.39 17.68 -12.89
CA VAL B 55 1.79 17.45 -12.44
C VAL B 55 2.78 17.65 -13.61
N ASP B 56 4.01 18.12 -13.27
CA ASP B 56 5.09 18.36 -14.23
C ASP B 56 5.84 17.05 -14.49
N GLN B 57 6.00 16.24 -13.42
CA GLN B 57 6.61 14.91 -13.47
C GLN B 57 5.51 13.90 -13.13
N ASN B 58 5.29 12.92 -14.00
CA ASN B 58 4.25 11.93 -13.78
C ASN B 58 4.75 10.79 -12.87
N ILE B 59 5.22 11.20 -11.64
CA ILE B 59 5.77 10.31 -10.61
C ILE B 59 5.16 10.58 -9.25
N PHE B 60 5.12 9.55 -8.41
CA PHE B 60 4.67 9.65 -7.02
C PHE B 60 5.58 8.81 -6.14
N SER B 61 5.93 9.36 -5.00
CA SER B 61 6.86 8.74 -4.06
C SER B 61 6.28 8.57 -2.62
N PHE B 62 6.78 7.56 -1.90
CA PHE B 62 6.30 7.24 -0.57
C PHE B 62 7.39 7.21 0.45
N TYR B 63 7.11 7.90 1.55
CA TYR B 63 7.92 7.83 2.75
C TYR B 63 6.96 7.20 3.72
N LEU B 64 7.36 6.09 4.32
CA LEU B 64 6.60 5.40 5.36
C LEU B 64 7.47 5.33 6.64
N SER B 65 7.02 5.97 7.72
CA SER B 65 7.73 5.90 8.99
C SER B 65 7.59 4.47 9.57
N ARG B 66 8.66 3.96 10.21
CA ARG B 66 8.63 2.65 10.88
C ARG B 66 8.54 2.83 12.41
N ASP B 67 8.26 4.07 12.86
CA ASP B 67 8.04 4.33 14.27
C ASP B 67 6.59 4.82 14.35
N PRO B 68 5.66 3.97 14.86
CA PRO B 68 4.22 4.35 14.88
C PRO B 68 3.87 5.72 15.45
N ASP B 69 4.68 6.14 16.44
CA ASP B 69 4.61 7.38 17.21
C ASP B 69 5.26 8.56 16.47
N ALA B 70 6.10 8.26 15.42
CA ALA B 70 6.80 9.26 14.62
C ALA B 70 5.86 10.06 13.74
N GLN B 71 5.94 11.40 13.84
CA GLN B 71 5.10 12.32 13.07
C GLN B 71 5.84 13.03 11.95
N PRO B 72 5.29 13.06 10.72
CA PRO B 72 4.08 12.37 10.26
C PRO B 72 4.32 10.86 10.15
N GLY B 73 3.25 10.07 10.01
CA GLY B 73 3.34 8.63 9.83
C GLY B 73 3.94 8.23 8.49
N GLY B 74 3.90 9.17 7.55
CA GLY B 74 4.43 9.03 6.21
C GLY B 74 4.19 10.25 5.35
N GLU B 75 4.55 10.15 4.07
CA GLU B 75 4.30 11.22 3.10
C GLU B 75 4.29 10.69 1.71
N LEU B 76 3.20 10.99 0.97
CA LEU B 76 3.04 10.68 -0.43
C LEU B 76 3.31 11.99 -1.16
N MET B 77 4.23 11.98 -2.10
CA MET B 77 4.53 13.16 -2.88
C MET B 77 3.96 12.91 -4.25
N LEU B 78 3.06 13.79 -4.70
CA LEU B 78 2.46 13.63 -6.03
C LEU B 78 3.12 14.63 -6.96
N GLY B 79 3.78 14.12 -8.00
CA GLY B 79 4.48 14.92 -9.00
C GLY B 79 5.93 15.23 -8.71
N GLY B 80 6.54 14.45 -7.81
CA GLY B 80 7.94 14.58 -7.42
C GLY B 80 8.40 13.63 -6.35
N THR B 81 9.64 13.87 -5.90
CA THR B 81 10.27 13.13 -4.81
C THR B 81 10.48 14.12 -3.63
N ASP B 82 10.62 13.62 -2.40
CA ASP B 82 10.94 14.46 -1.25
C ASP B 82 12.31 14.07 -0.77
N SER B 83 13.32 14.83 -1.21
CA SER B 83 14.72 14.60 -0.86
C SER B 83 15.00 14.61 0.62
N LYS B 84 14.17 15.28 1.46
CA LYS B 84 14.43 15.30 2.91
C LYS B 84 14.01 13.99 3.63
N TYR B 85 13.34 13.06 2.94
CA TYR B 85 12.96 11.75 3.50
C TYR B 85 13.83 10.58 3.04
N TYR B 86 14.84 10.86 2.20
CA TYR B 86 15.75 9.82 1.76
C TYR B 86 17.18 10.30 1.76
N LYS B 87 18.08 9.33 1.93
CA LYS B 87 19.53 9.48 2.05
C LYS B 87 20.14 9.03 0.74
N GLY B 88 21.14 9.76 0.28
CA GLY B 88 21.86 9.45 -0.95
C GLY B 88 21.05 9.65 -2.22
N SER B 89 21.30 8.79 -3.23
CA SER B 89 20.65 8.84 -4.55
C SER B 89 19.81 7.63 -4.88
N LEU B 90 18.74 7.86 -5.65
CA LEU B 90 17.79 6.87 -6.13
C LEU B 90 18.46 5.83 -7.09
N SER B 91 17.99 4.56 -7.01
CA SER B 91 18.41 3.42 -7.82
C SER B 91 17.14 2.87 -8.47
N TYR B 92 17.12 2.76 -9.81
CA TYR B 92 15.93 2.37 -10.55
C TYR B 92 15.93 0.92 -11.12
N LEU B 93 14.72 0.31 -11.16
CA LEU B 93 14.40 -1.01 -11.69
C LEU B 93 13.26 -0.78 -12.66
N ASN B 94 13.26 -1.47 -13.82
CA ASN B 94 12.17 -1.32 -14.77
C ASN B 94 10.98 -2.19 -14.38
N VAL B 95 9.76 -1.72 -14.71
CA VAL B 95 8.52 -2.45 -14.48
C VAL B 95 8.49 -3.52 -15.57
N THR B 96 8.36 -4.81 -15.15
CA THR B 96 8.28 -5.96 -16.07
C THR B 96 6.86 -5.94 -16.63
N ARG B 97 5.85 -6.35 -15.80
CA ARG B 97 4.43 -6.37 -16.17
C ARG B 97 3.65 -5.18 -15.55
N LYS B 98 3.27 -4.27 -16.48
CA LYS B 98 2.54 -3.02 -16.28
C LYS B 98 1.05 -3.15 -15.93
N ALA B 99 0.78 -3.77 -14.77
CA ALA B 99 -0.54 -4.01 -14.19
C ALA B 99 -0.33 -3.60 -12.74
N TYR B 100 0.35 -4.45 -11.96
CA TYR B 100 0.81 -4.06 -10.62
C TYR B 100 2.12 -3.28 -10.88
N TRP B 101 2.84 -2.91 -9.82
CA TRP B 101 4.13 -2.24 -9.97
C TRP B 101 5.12 -3.36 -9.78
N GLN B 102 5.23 -4.16 -10.84
CA GLN B 102 6.02 -5.40 -10.88
C GLN B 102 7.43 -5.19 -11.35
N VAL B 103 8.39 -5.83 -10.68
CA VAL B 103 9.82 -5.76 -10.97
C VAL B 103 10.44 -7.15 -10.89
N HIS B 104 11.64 -7.31 -11.43
CA HIS B 104 12.33 -8.58 -11.32
C HIS B 104 13.18 -8.59 -10.05
N LEU B 105 12.94 -9.59 -9.18
CA LEU B 105 13.68 -9.77 -7.93
C LEU B 105 14.72 -10.89 -8.20
N ASP B 106 16.04 -10.54 -8.22
CA ASP B 106 17.12 -11.48 -8.55
C ASP B 106 17.23 -12.66 -7.58
N GLN B 107 17.09 -12.39 -6.26
CA GLN B 107 17.13 -13.38 -5.17
C GLN B 107 16.95 -12.78 -3.76
N VAL B 108 16.60 -13.66 -2.82
CA VAL B 108 16.42 -13.33 -1.40
C VAL B 108 17.42 -14.20 -0.62
N GLU B 109 18.44 -13.57 -0.06
CA GLU B 109 19.45 -14.27 0.71
C GLU B 109 19.44 -13.91 2.17
N VAL B 110 19.52 -14.95 3.02
CA VAL B 110 19.58 -14.87 4.48
C VAL B 110 21.05 -15.01 4.86
N ALA B 111 21.57 -14.15 5.77
CA ALA B 111 22.98 -14.17 6.21
C ALA B 111 23.47 -15.56 6.73
N SER B 112 22.54 -16.38 7.28
CA SER B 112 22.77 -17.77 7.74
C SER B 112 23.16 -18.70 6.57
N GLY B 113 23.03 -18.20 5.34
CA GLY B 113 23.35 -18.94 4.13
C GLY B 113 22.16 -19.36 3.29
N LEU B 114 20.94 -19.38 3.87
CA LEU B 114 19.72 -19.77 3.16
C LEU B 114 19.38 -18.83 1.99
N THR B 115 18.94 -19.42 0.86
CA THR B 115 18.58 -18.69 -0.36
C THR B 115 17.18 -19.07 -0.80
N LEU B 116 16.36 -18.04 -1.04
CA LEU B 116 15.01 -18.21 -1.56
C LEU B 116 15.03 -17.43 -2.87
N CYS B 117 14.03 -17.64 -3.75
CA CYS B 117 13.98 -17.02 -5.08
C CYS B 117 15.40 -17.19 -5.74
N LYS B 118 15.96 -18.41 -5.63
CA LYS B 118 17.33 -18.83 -6.00
C LYS B 118 17.77 -18.46 -7.41
N GLU B 119 16.89 -18.60 -8.41
CA GLU B 119 17.18 -18.30 -9.82
C GLU B 119 16.36 -17.12 -10.38
N GLY B 120 15.91 -16.25 -9.48
CA GLY B 120 15.11 -15.09 -9.84
C GLY B 120 13.63 -15.38 -9.83
N CYS B 121 12.82 -14.33 -9.65
CA CYS B 121 11.35 -14.38 -9.57
C CYS B 121 10.71 -13.00 -9.78
N GLU B 122 9.36 -12.95 -9.75
CA GLU B 122 8.62 -11.68 -9.91
C GLU B 122 8.10 -11.13 -8.60
N ALA B 123 8.29 -9.83 -8.41
CA ALA B 123 7.87 -9.13 -7.20
C ALA B 123 7.08 -7.85 -7.51
N ILE B 124 6.12 -7.51 -6.65
CA ILE B 124 5.36 -6.27 -6.80
C ILE B 124 5.67 -5.38 -5.62
N VAL B 125 5.69 -4.05 -5.84
CA VAL B 125 5.94 -3.10 -4.74
C VAL B 125 4.55 -2.59 -4.30
N ASP B 126 4.05 -3.08 -3.14
CA ASP B 126 2.70 -2.79 -2.68
C ASP B 126 2.62 -2.04 -1.36
N THR B 127 2.33 -0.73 -1.44
CA THR B 127 2.14 0.15 -0.28
C THR B 127 0.99 -0.29 0.61
N GLY B 128 -0.05 -0.94 0.05
CA GLY B 128 -1.22 -1.39 0.79
C GLY B 128 -1.16 -2.75 1.46
N THR B 129 0.06 -3.33 1.55
CA THR B 129 0.37 -4.57 2.24
C THR B 129 1.43 -4.23 3.31
N SER B 130 1.14 -4.55 4.58
CA SER B 130 2.05 -4.22 5.66
C SER B 130 3.32 -5.06 5.67
N LEU B 131 3.18 -6.35 5.35
CA LEU B 131 4.28 -7.30 5.42
C LEU B 131 4.92 -7.59 4.11
N MET B 132 6.03 -8.33 4.15
CA MET B 132 6.69 -8.89 2.98
C MET B 132 5.92 -10.20 2.76
N VAL B 133 5.53 -10.49 1.52
CA VAL B 133 4.79 -11.73 1.22
C VAL B 133 5.64 -12.59 0.28
N GLY B 134 5.73 -13.87 0.58
CA GLY B 134 6.45 -14.80 -0.26
C GLY B 134 5.68 -16.08 -0.42
N PRO B 135 6.08 -17.01 -1.31
CA PRO B 135 5.34 -18.27 -1.45
C PRO B 135 5.40 -19.08 -0.15
N VAL B 136 4.29 -19.75 0.18
CA VAL B 136 4.08 -20.57 1.38
C VAL B 136 5.27 -21.50 1.70
N ASP B 137 5.71 -22.28 0.71
CA ASP B 137 6.80 -23.24 0.84
C ASP B 137 8.16 -22.60 1.10
N GLU B 138 8.46 -21.48 0.43
CA GLU B 138 9.73 -20.77 0.60
C GLU B 138 9.79 -20.01 1.94
N VAL B 139 8.65 -19.40 2.36
CA VAL B 139 8.57 -18.63 3.60
C VAL B 139 8.64 -19.54 4.86
N ARG B 140 8.00 -20.75 4.81
CA ARG B 140 8.01 -21.71 5.92
C ARG B 140 9.44 -22.08 6.30
N GLU B 141 10.29 -22.31 5.28
CA GLU B 141 11.70 -22.65 5.37
C GLU B 141 12.51 -21.46 5.87
N LEU B 142 12.13 -20.24 5.44
CA LEU B 142 12.78 -19.00 5.87
C LEU B 142 12.54 -18.81 7.37
N GLN B 143 11.27 -18.98 7.82
CA GLN B 143 10.90 -18.85 9.23
C GLN B 143 11.48 -19.95 10.13
N LYS B 144 11.94 -21.09 9.55
CA LYS B 144 12.64 -22.13 10.30
C LYS B 144 14.03 -21.58 10.64
N ALA B 145 14.68 -20.91 9.66
CA ALA B 145 16.01 -20.31 9.78
C ALA B 145 16.05 -19.18 10.80
N ILE B 146 15.01 -18.36 10.87
CA ILE B 146 14.99 -17.29 11.88
C ILE B 146 14.50 -17.82 13.24
N GLY B 147 13.97 -19.06 13.28
CA GLY B 147 13.48 -19.72 14.47
C GLY B 147 12.12 -19.24 14.94
N ALA B 148 11.33 -18.67 14.03
CA ALA B 148 9.99 -18.16 14.26
C ALA B 148 8.93 -19.28 14.26
N VAL B 149 7.95 -19.20 15.16
CA VAL B 149 6.88 -20.20 15.29
C VAL B 149 5.64 -19.82 14.48
N PRO B 150 4.90 -20.80 13.90
CA PRO B 150 3.70 -20.44 13.11
C PRO B 150 2.59 -19.84 13.98
N LEU B 151 1.88 -18.83 13.45
CA LEU B 151 0.83 -18.15 14.21
C LEU B 151 -0.60 -18.44 13.67
N ILE B 152 -0.94 -17.93 12.47
CA ILE B 152 -2.22 -18.06 11.78
C ILE B 152 -2.22 -17.25 10.48
N GLN B 153 -3.00 -17.71 9.45
CA GLN B 153 -3.13 -17.10 8.11
C GLN B 153 -1.77 -16.80 7.39
N GLY B 154 -0.76 -17.65 7.61
CA GLY B 154 0.57 -17.50 7.01
C GLY B 154 1.54 -16.58 7.76
N GLU B 155 1.14 -16.12 8.97
CA GLU B 155 1.94 -15.25 9.82
C GLU B 155 2.76 -16.05 10.84
N TYR B 156 3.80 -15.39 11.43
CA TYR B 156 4.70 -16.04 12.39
C TYR B 156 5.08 -15.15 13.60
N MET B 157 5.58 -15.77 14.68
CA MET B 157 6.00 -15.09 15.91
C MET B 157 7.47 -15.44 16.24
N ILE B 158 8.20 -14.47 16.84
CA ILE B 158 9.59 -14.61 17.29
C ILE B 158 9.65 -14.08 18.75
N PRO B 159 10.29 -14.79 19.73
CA PRO B 159 10.42 -14.22 21.08
C PRO B 159 11.44 -13.07 20.98
N CYS B 160 11.01 -11.87 21.34
CA CYS B 160 11.76 -10.61 21.23
C CYS B 160 13.20 -10.67 21.73
N GLU B 161 13.51 -11.51 22.74
CA GLU B 161 14.88 -11.69 23.29
C GLU B 161 15.85 -12.36 22.28
N LYS B 162 15.27 -13.02 21.24
CA LYS B 162 15.96 -13.72 20.14
C LYS B 162 16.14 -12.83 18.88
N VAL B 163 15.28 -11.81 18.70
CA VAL B 163 15.26 -10.90 17.55
C VAL B 163 16.66 -10.28 17.23
N SER B 164 17.35 -9.71 18.22
CA SER B 164 18.68 -9.11 18.00
C SER B 164 19.74 -10.05 17.40
N THR B 165 19.74 -11.35 17.81
CA THR B 165 20.72 -12.34 17.36
C THR B 165 20.37 -12.99 15.99
N LEU B 166 19.25 -12.57 15.35
CA LEU B 166 18.78 -13.09 14.05
C LEU B 166 19.69 -12.67 12.87
N PRO B 167 19.66 -13.39 11.73
CA PRO B 167 20.51 -12.98 10.60
C PRO B 167 19.89 -11.86 9.74
N ALA B 168 20.71 -11.15 8.95
CA ALA B 168 20.17 -10.14 8.05
C ALA B 168 19.59 -10.80 6.77
N ILE B 169 18.48 -10.26 6.24
CA ILE B 169 17.90 -10.73 4.97
C ILE B 169 18.23 -9.66 3.93
N THR B 170 18.75 -10.07 2.76
CA THR B 170 19.14 -9.18 1.68
C THR B 170 18.31 -9.48 0.43
N LEU B 171 17.73 -8.43 -0.18
CA LEU B 171 16.96 -8.61 -1.41
C LEU B 171 17.75 -8.00 -2.55
N LYS B 172 18.07 -8.81 -3.58
CA LYS B 172 18.85 -8.38 -4.72
C LYS B 172 17.93 -7.86 -5.82
N LEU B 173 17.99 -6.53 -6.06
CA LEU B 173 17.15 -5.85 -7.03
C LEU B 173 18.01 -4.86 -7.82
N GLY B 174 17.99 -5.01 -9.14
CA GLY B 174 18.80 -4.22 -10.08
C GLY B 174 20.27 -4.52 -9.91
N GLY B 175 20.59 -5.78 -9.55
CA GLY B 175 21.93 -6.23 -9.26
C GLY B 175 22.44 -5.75 -7.91
N LYS B 176 21.69 -4.81 -7.25
CA LYS B 176 22.06 -4.18 -5.96
C LYS B 176 21.45 -4.88 -4.74
N GLY B 177 22.20 -4.88 -3.65
CA GLY B 177 21.76 -5.42 -2.38
C GLY B 177 20.88 -4.45 -1.61
N TYR B 178 19.77 -4.98 -1.06
CA TYR B 178 18.81 -4.23 -0.27
C TYR B 178 18.68 -4.94 1.07
N LYS B 179 19.62 -4.62 2.01
CA LYS B 179 19.68 -5.24 3.34
C LYS B 179 18.57 -4.80 4.32
N LEU B 180 17.90 -5.79 4.92
CA LEU B 180 16.95 -5.60 5.99
C LEU B 180 17.58 -6.31 7.17
N SER B 181 17.70 -5.59 8.26
CA SER B 181 18.24 -6.09 9.52
C SER B 181 17.08 -6.82 10.28
N PRO B 182 17.33 -7.60 11.38
CA PRO B 182 16.21 -8.22 12.12
C PRO B 182 15.13 -7.22 12.58
N GLU B 183 15.56 -6.02 13.00
CA GLU B 183 14.70 -4.93 13.45
C GLU B 183 13.84 -4.40 12.29
N ASP B 184 14.40 -4.34 11.07
CA ASP B 184 13.71 -3.87 9.88
C ASP B 184 12.61 -4.83 9.44
N TYR B 185 12.87 -6.18 9.51
CA TYR B 185 11.87 -7.16 9.03
C TYR B 185 11.03 -7.78 10.16
N THR B 186 11.07 -7.23 11.38
CA THR B 186 10.21 -7.73 12.45
C THR B 186 9.46 -6.57 13.06
N LEU B 187 8.16 -6.74 13.23
CA LEU B 187 7.28 -5.73 13.82
C LEU B 187 7.20 -5.90 15.33
N LYS B 188 7.43 -4.81 16.10
CA LYS B 188 7.33 -4.86 17.57
C LYS B 188 5.95 -4.34 17.96
N VAL B 189 4.96 -5.24 17.96
CA VAL B 189 3.56 -4.95 18.32
C VAL B 189 3.49 -4.89 19.85
N SER B 190 3.57 -3.67 20.44
CA SER B 190 3.53 -3.46 21.89
C SER B 190 2.21 -2.83 22.38
N GLN B 191 1.76 -3.19 23.61
CA GLN B 191 0.58 -2.69 24.33
C GLN B 191 0.47 -3.24 25.74
N ALA B 192 0.11 -2.35 26.70
CA ALA B 192 -0.10 -2.63 28.12
C ALA B 192 1.10 -3.31 28.84
N GLY B 193 2.30 -3.11 28.27
CA GLY B 193 3.54 -3.68 28.78
C GLY B 193 3.82 -5.07 28.24
N LYS B 194 3.01 -5.50 27.26
CA LYS B 194 3.14 -6.79 26.61
C LYS B 194 3.71 -6.52 25.23
N THR B 195 4.80 -7.20 24.87
CA THR B 195 5.39 -7.01 23.55
C THR B 195 5.43 -8.34 22.82
N LEU B 196 4.86 -8.36 21.60
CA LEU B 196 4.87 -9.55 20.75
C LEU B 196 5.59 -9.23 19.44
N CYS B 197 6.70 -9.93 19.19
CA CYS B 197 7.48 -9.75 17.96
C CYS B 197 6.92 -10.63 16.85
N LEU B 198 6.45 -9.97 15.81
CA LEU B 198 5.81 -10.53 14.64
C LEU B 198 6.77 -10.48 13.45
N SER B 199 6.91 -11.61 12.75
CA SER B 199 7.73 -11.72 11.55
C SER B 199 7.13 -10.84 10.42
N GLY B 200 8.00 -10.07 9.77
CA GLY B 200 7.63 -9.17 8.69
C GLY B 200 7.53 -9.90 7.38
N PHE B 201 7.62 -11.24 7.43
CA PHE B 201 7.48 -12.14 6.29
C PHE B 201 6.25 -13.02 6.51
N MET B 202 5.39 -13.07 5.50
CA MET B 202 4.15 -13.84 5.52
C MET B 202 4.14 -14.82 4.35
N GLY B 203 3.61 -16.01 4.59
CA GLY B 203 3.52 -17.06 3.57
C GLY B 203 2.19 -17.12 2.86
N MET B 204 2.16 -16.68 1.59
CA MET B 204 0.95 -16.71 0.76
C MET B 204 1.29 -16.95 -0.73
N ASP B 205 0.65 -17.96 -1.32
CA ASP B 205 0.81 -18.29 -2.73
C ASP B 205 -0.23 -17.51 -3.54
N ILE B 206 0.23 -16.58 -4.40
CA ILE B 206 -0.69 -15.80 -5.25
C ILE B 206 -0.93 -16.64 -6.49
N PRO B 207 -2.18 -16.98 -6.84
CA PRO B 207 -2.37 -17.85 -8.00
C PRO B 207 -2.37 -17.11 -9.33
N PRO B 208 -2.02 -17.80 -10.46
CA PRO B 208 -2.16 -17.14 -11.79
C PRO B 208 -3.62 -16.68 -12.01
N PRO B 209 -3.94 -15.66 -12.83
CA PRO B 209 -3.06 -14.83 -13.69
C PRO B 209 -2.10 -13.90 -12.97
N SER B 210 -2.42 -13.53 -11.74
CA SER B 210 -1.64 -12.60 -10.94
C SER B 210 -0.25 -13.10 -10.51
N GLY B 211 -0.19 -14.31 -9.96
CA GLY B 211 1.03 -14.86 -9.43
C GLY B 211 1.60 -16.11 -10.06
N PRO B 212 2.55 -16.78 -9.37
CA PRO B 212 3.10 -16.45 -8.04
C PRO B 212 3.82 -15.11 -8.01
N LEU B 213 3.80 -14.45 -6.85
CA LEU B 213 4.49 -13.19 -6.62
C LEU B 213 5.01 -13.08 -5.20
N TRP B 214 6.08 -12.28 -5.07
CA TRP B 214 6.58 -11.78 -3.80
C TRP B 214 5.95 -10.39 -3.72
N ILE B 215 5.59 -9.98 -2.52
CA ILE B 215 5.06 -8.64 -2.36
C ILE B 215 6.05 -7.86 -1.52
N LEU B 216 6.70 -6.82 -2.07
CA LEU B 216 7.56 -5.98 -1.25
C LEU B 216 6.61 -4.95 -0.64
N GLY B 217 6.28 -5.15 0.65
CA GLY B 217 5.33 -4.35 1.41
C GLY B 217 5.93 -3.22 2.22
N ASP B 218 5.13 -2.70 3.21
CA ASP B 218 5.49 -1.59 4.11
C ASP B 218 6.80 -1.86 4.87
N VAL B 219 7.10 -3.13 5.21
CA VAL B 219 8.39 -3.50 5.83
C VAL B 219 9.56 -2.95 4.92
N PHE B 220 9.54 -3.24 3.61
CA PHE B 220 10.54 -2.82 2.64
C PHE B 220 10.52 -1.33 2.36
N ILE B 221 9.35 -0.79 1.98
CA ILE B 221 9.15 0.63 1.66
C ILE B 221 9.52 1.51 2.82
N GLY B 222 9.21 1.08 4.03
CA GLY B 222 9.56 1.83 5.24
C GLY B 222 11.06 2.03 5.42
N ARG B 223 11.85 1.08 4.91
CA ARG B 223 13.30 1.13 4.94
C ARG B 223 13.82 1.82 3.70
N TYR B 224 13.16 1.63 2.57
CA TYR B 224 13.58 2.20 1.32
C TYR B 224 12.53 3.01 0.67
N TYR B 225 12.72 4.33 0.71
CA TYR B 225 11.88 5.33 0.07
C TYR B 225 11.74 4.90 -1.39
N THR B 226 10.48 4.72 -1.82
CA THR B 226 10.09 4.21 -3.14
C THR B 226 9.55 5.30 -4.06
N VAL B 227 9.98 5.29 -5.33
CA VAL B 227 9.52 6.22 -6.36
C VAL B 227 8.82 5.40 -7.42
N PHE B 228 7.60 5.83 -7.83
CA PHE B 228 6.78 5.18 -8.85
C PHE B 228 6.68 6.14 -9.99
N ASP B 229 7.35 5.77 -11.11
CA ASP B 229 7.50 6.55 -12.33
C ASP B 229 6.65 5.97 -13.47
N ARG B 230 5.57 6.68 -13.86
CA ARG B 230 4.66 6.30 -14.94
C ARG B 230 5.14 6.85 -16.28
N ASP B 231 6.12 7.79 -16.22
CA ASP B 231 6.72 8.37 -17.41
C ASP B 231 7.66 7.37 -18.03
N ASN B 232 8.57 6.82 -17.22
CA ASN B 232 9.58 5.86 -17.62
C ASN B 232 9.32 4.42 -17.15
N ASN B 233 8.13 4.16 -16.55
CA ASN B 233 7.67 2.85 -16.02
C ASN B 233 8.79 2.11 -15.23
N ARG B 234 9.31 2.80 -14.23
CA ARG B 234 10.37 2.29 -13.36
C ARG B 234 10.01 2.54 -11.92
N VAL B 235 10.76 1.89 -11.02
CA VAL B 235 10.63 2.00 -9.56
C VAL B 235 11.99 2.45 -8.98
N GLY B 236 11.96 3.44 -8.10
CA GLY B 236 13.16 3.96 -7.46
C GLY B 236 13.23 3.60 -6.00
N PHE B 237 14.44 3.30 -5.51
CA PHE B 237 14.68 3.01 -4.10
C PHE B 237 15.88 3.80 -3.64
N ALA B 238 15.78 4.31 -2.41
CA ALA B 238 16.88 5.01 -1.73
C ALA B 238 16.69 4.74 -0.27
N GLU B 239 17.77 4.56 0.47
CA GLU B 239 17.63 4.36 1.92
C GLU B 239 16.85 5.56 2.46
N ALA B 240 15.80 5.27 3.23
CA ALA B 240 14.94 6.30 3.82
C ALA B 240 15.67 6.92 5.02
N ALA B 241 15.43 8.22 5.27
CA ALA B 241 15.97 9.00 6.39
C ALA B 241 15.35 8.48 7.69
N ARG B 242 16.17 8.21 8.70
CA ARG B 242 15.72 7.70 10.00
C ARG B 242 16.65 8.19 11.13
N LEU B 243 16.13 8.14 12.39
CA LEU B 243 16.80 8.63 13.59
C LEU B 243 17.14 7.49 14.56
#